data_7SR1
#
_entry.id   7SR1
#
_cell.length_a   48.620
_cell.length_b   57.140
_cell.length_c   66.980
_cell.angle_alpha   90.000
_cell.angle_beta   109.480
_cell.angle_gamma   90.000
#
_symmetry.space_group_name_H-M   'P 1 21 1'
#
loop_
_entity.id
_entity.type
_entity.pdbx_description
1 polymer 'Sorting nexin-25'
2 water water
#
_entity_poly.entity_id   1
_entity_poly.type   'polypeptide(L)'
_entity_poly.pdbx_seq_one_letter_code
;GSSQKILQFEDILANTFYREHFGMYMERMDKRALISFWESVEHLKNANKNEIPQLVGEIYQNFFVESKEISVEKSLYKEI
QQCLVGNKGIEVFYKIQEDVYETLKDRYYPSFIVSDLYEKLLIKEE
;
_entity_poly.pdbx_strand_id   A,B
#
# COMPACT_ATOMS: atom_id res chain seq x y z
N GLN A 4 1.42 -6.24 18.66
CA GLN A 4 2.72 -6.84 18.93
C GLN A 4 3.84 -6.06 18.24
N LYS A 5 4.28 -6.54 17.08
CA LYS A 5 5.44 -5.99 16.41
C LYS A 5 5.19 -4.55 15.97
N ILE A 6 6.17 -3.68 16.22
CA ILE A 6 6.05 -2.27 15.88
C ILE A 6 6.11 -2.11 14.37
N LEU A 7 5.22 -1.27 13.83
CA LEU A 7 5.31 -0.91 12.43
C LEU A 7 6.62 -0.20 12.14
N GLN A 8 7.29 -0.62 11.06
CA GLN A 8 8.53 0.01 10.66
C GLN A 8 8.25 1.34 9.96
N PHE A 9 9.12 2.32 10.22
CA PHE A 9 8.90 3.65 9.66
C PHE A 9 8.91 3.64 8.14
N GLU A 10 9.65 2.71 7.53
CA GLU A 10 9.61 2.57 6.07
C GLU A 10 8.22 2.21 5.59
N ASP A 11 7.52 1.33 6.31
CA ASP A 11 6.17 0.95 5.94
C ASP A 11 5.15 2.01 6.31
N ILE A 12 5.45 2.83 7.33
CA ILE A 12 4.60 3.97 7.66
C ILE A 12 4.51 4.93 6.48
N LEU A 13 5.64 5.19 5.83
CA LEU A 13 5.67 6.13 4.70
C LEU A 13 5.26 5.47 3.39
N ALA A 14 5.33 4.15 3.29
CA ALA A 14 4.95 3.48 2.06
C ALA A 14 3.44 3.29 1.96
N ASN A 15 2.74 3.24 3.09
CA ASN A 15 1.29 3.04 3.13
C ASN A 15 0.61 4.40 3.26
N THR A 16 -0.23 4.74 2.28
CA THR A 16 -0.90 6.04 2.28
C THR A 16 -1.72 6.26 3.55
N PHE A 17 -2.37 5.20 4.04
CA PHE A 17 -3.19 5.33 5.24
C PHE A 17 -2.32 5.60 6.47
N TYR A 18 -1.19 4.89 6.60
CA TYR A 18 -0.28 5.14 7.72
C TYR A 18 0.33 6.53 7.61
N ARG A 19 0.85 6.88 6.43
CA ARG A 19 1.60 8.12 6.27
C ARG A 19 0.71 9.34 6.51
N GLU A 20 -0.55 9.27 6.08
CA GLU A 20 -1.46 10.38 6.31
C GLU A 20 -1.68 10.61 7.80
N HIS A 21 -1.78 9.52 8.58
CA HIS A 21 -1.91 9.66 10.02
C HIS A 21 -0.65 10.23 10.64
N PHE A 22 0.53 9.80 10.16
CA PHE A 22 1.77 10.39 10.62
C PHE A 22 1.87 11.86 10.22
N GLY A 23 1.29 12.22 9.09
CA GLY A 23 1.27 13.63 8.69
C GLY A 23 0.38 14.46 9.58
N MET A 24 -0.76 13.90 9.99
CA MET A 24 -1.62 14.61 10.96
C MET A 24 -0.88 14.86 12.26
N TYR A 25 -0.08 13.89 12.70
CA TYR A 25 0.73 14.09 13.91
C TYR A 25 1.77 15.18 13.71
N MET A 26 2.40 15.23 12.54
CA MET A 26 3.37 16.27 12.27
C MET A 26 2.72 17.66 12.22
N GLU A 27 1.45 17.72 11.80
CA GLU A 27 0.74 18.99 11.81
C GLU A 27 0.53 19.50 13.23
N ARG A 28 0.24 18.59 14.16
CA ARG A 28 0.15 18.97 15.57
C ARG A 28 1.42 19.67 16.04
N MET A 29 2.56 19.20 15.56
CA MET A 29 3.86 19.80 15.88
C MET A 29 4.20 20.97 14.96
N ASP A 30 3.28 21.36 14.08
CA ASP A 30 3.51 22.46 13.13
C ASP A 30 4.75 22.22 12.28
N LYS A 31 5.02 20.96 11.96
CA LYS A 31 6.17 20.56 11.16
C LYS A 31 5.73 19.62 10.05
N ARG A 32 4.55 19.85 9.48
CA ARG A 32 4.07 19.00 8.39
C ARG A 32 4.83 19.25 7.09
N ALA A 33 5.55 20.38 6.99
CA ALA A 33 6.37 20.62 5.82
C ALA A 33 7.50 19.60 5.68
N LEU A 34 7.89 18.96 6.78
CA LEU A 34 8.94 17.94 6.72
C LEU A 34 8.46 16.70 5.99
N ILE A 35 7.26 16.22 6.30
CA ILE A 35 6.74 15.05 5.60
C ILE A 35 6.29 15.42 4.20
N SER A 36 5.78 16.64 4.00
CA SER A 36 5.38 17.08 2.67
C SER A 36 6.58 17.15 1.74
N PHE A 37 7.72 17.63 2.23
CA PHE A 37 8.93 17.67 1.42
C PHE A 37 9.42 16.26 1.11
N TRP A 38 9.39 15.36 2.10
CA TRP A 38 9.75 13.97 1.84
C TRP A 38 8.86 13.37 0.77
N GLU A 39 7.55 13.60 0.86
CA GLU A 39 6.62 13.07 -0.13
C GLU A 39 6.88 13.66 -1.51
N SER A 40 7.30 14.93 -1.58
CA SER A 40 7.54 15.56 -2.87
C SER A 40 8.78 14.98 -3.54
N VAL A 41 9.84 14.72 -2.78
CA VAL A 41 11.04 14.13 -3.34
C VAL A 41 10.78 12.68 -3.75
N GLU A 42 9.98 11.96 -2.96
CA GLU A 42 9.65 10.58 -3.30
C GLU A 42 8.80 10.52 -4.57
N HIS A 43 7.82 11.42 -4.68
CA HIS A 43 7.06 11.54 -5.93
C HIS A 43 7.97 11.82 -7.11
N LEU A 44 9.08 12.53 -6.88
CA LEU A 44 10.04 12.80 -7.94
C LEU A 44 10.77 11.53 -8.36
N LYS A 45 11.05 10.64 -7.40
CA LYS A 45 11.75 9.40 -7.70
C LYS A 45 10.91 8.45 -8.55
N ASN A 46 9.59 8.66 -8.61
CA ASN A 46 8.67 7.79 -9.32
C ASN A 46 7.88 8.55 -10.37
N ALA A 47 8.44 9.62 -10.93
CA ALA A 47 7.74 10.47 -11.86
C ALA A 47 8.32 10.32 -13.27
N ASN A 48 7.47 10.59 -14.26
CA ASN A 48 7.92 10.61 -15.64
C ASN A 48 8.78 11.84 -15.89
N LYS A 49 9.76 11.70 -16.79
CA LYS A 49 10.81 12.70 -16.91
C LYS A 49 10.34 14.01 -17.54
N ASN A 50 9.19 14.01 -18.23
CA ASN A 50 8.65 15.27 -18.73
C ASN A 50 8.14 16.14 -17.60
N GLU A 51 7.84 15.55 -16.45
CA GLU A 51 7.40 16.28 -15.27
C GLU A 51 8.54 16.57 -14.29
N ILE A 52 9.67 15.87 -14.44
CA ILE A 52 10.77 16.01 -13.47
C ILE A 52 11.22 17.45 -13.28
N PRO A 53 11.55 18.23 -14.32
CA PRO A 53 12.11 19.56 -14.07
C PRO A 53 11.10 20.52 -13.45
N GLN A 54 9.82 20.44 -13.85
CA GLN A 54 8.82 21.30 -13.23
C GLN A 54 8.55 20.89 -11.79
N LEU A 55 8.63 19.59 -11.49
CA LEU A 55 8.48 19.13 -10.11
C LEU A 55 9.65 19.59 -9.25
N VAL A 56 10.87 19.45 -9.77
CA VAL A 56 12.05 19.98 -9.06
C VAL A 56 11.88 21.46 -8.78
N GLY A 57 11.33 22.21 -9.74
CA GLY A 57 11.11 23.62 -9.54
C GLY A 57 10.02 23.91 -8.52
N GLU A 58 8.97 23.08 -8.51
CA GLU A 58 7.90 23.27 -7.54
C GLU A 58 8.34 22.86 -6.14
N ILE A 59 9.29 21.95 -6.02
CA ILE A 59 9.85 21.60 -4.71
C ILE A 59 10.55 22.80 -4.11
N TYR A 60 11.38 23.48 -4.91
CA TYR A 60 12.04 24.69 -4.43
C TYR A 60 11.02 25.76 -4.05
N GLN A 61 9.99 25.95 -4.89
CA GLN A 61 9.01 27.00 -4.65
C GLN A 61 8.07 26.66 -3.51
N ASN A 62 8.02 25.42 -3.06
CA ASN A 62 7.12 25.03 -1.97
C ASN A 62 7.81 24.92 -0.62
N PHE A 63 9.11 24.64 -0.60
CA PHE A 63 9.79 24.35 0.66
C PHE A 63 11.07 25.15 0.90
N PHE A 64 11.61 25.83 -0.10
CA PHE A 64 12.87 26.54 0.04
C PHE A 64 12.73 28.05 -0.14
N VAL A 65 11.52 28.56 -0.30
CA VAL A 65 11.32 29.98 -0.58
C VAL A 65 10.96 30.75 0.69
N GLU A 66 11.19 30.17 1.87
CA GLU A 66 10.98 30.90 3.11
C GLU A 66 11.89 32.12 3.15
N SER A 67 11.29 33.30 3.15
CA SER A 67 12.05 34.55 3.11
C SER A 67 12.66 34.82 4.47
N LYS A 68 13.99 34.82 4.54
CA LYS A 68 14.72 35.14 5.76
C LYS A 68 15.20 36.59 5.73
N GLU A 69 15.51 37.10 6.92
CA GLU A 69 16.00 38.48 7.02
C GLU A 69 17.34 38.64 6.33
N ILE A 70 18.26 37.70 6.54
CA ILE A 70 19.44 37.56 5.69
C ILE A 70 18.99 36.72 4.49
N SER A 71 18.71 37.40 3.38
CA SER A 71 17.97 36.79 2.27
C SER A 71 18.95 36.25 1.23
N VAL A 72 19.50 35.06 1.52
CA VAL A 72 20.27 34.33 0.51
C VAL A 72 19.40 33.95 -0.66
N GLU A 73 18.12 33.65 -0.40
CA GLU A 73 17.23 33.18 -1.46
C GLU A 73 16.97 34.28 -2.49
N LYS A 74 16.87 35.53 -2.05
CA LYS A 74 16.62 36.62 -2.99
C LYS A 74 17.92 37.13 -3.62
N SER A 75 18.96 37.31 -2.80
CA SER A 75 20.21 37.89 -3.30
C SER A 75 20.88 36.98 -4.32
N LEU A 76 20.80 35.67 -4.11
CA LEU A 76 21.49 34.69 -4.94
C LEU A 76 20.52 33.72 -5.60
N TYR A 77 19.40 34.24 -6.10
CA TYR A 77 18.39 33.37 -6.70
C TYR A 77 18.94 32.65 -7.92
N LYS A 78 19.48 33.39 -8.88
CA LYS A 78 20.03 32.77 -10.08
C LYS A 78 21.17 31.81 -9.73
N GLU A 79 22.02 32.20 -8.79
CA GLU A 79 23.17 31.37 -8.44
C GLU A 79 22.75 30.08 -7.76
N ILE A 80 21.66 30.12 -6.98
CA ILE A 80 21.16 28.89 -6.35
C ILE A 80 20.58 27.95 -7.41
N GLN A 81 19.85 28.50 -8.38
CA GLN A 81 19.22 27.66 -9.40
C GLN A 81 20.26 26.94 -10.25
N GLN A 82 21.40 27.58 -10.50
CA GLN A 82 22.39 26.98 -11.39
C GLN A 82 23.18 25.87 -10.72
N CYS A 83 23.33 25.90 -9.40
CA CYS A 83 23.93 24.78 -8.68
C CYS A 83 22.89 23.75 -8.26
N LEU A 84 21.66 23.89 -8.73
CA LEU A 84 20.57 22.94 -8.56
C LEU A 84 19.95 22.60 -9.91
N VAL A 85 20.77 22.52 -10.95
CA VAL A 85 20.26 22.54 -12.32
C VAL A 85 19.81 21.16 -12.79
N GLY A 86 20.71 20.18 -12.77
CA GLY A 86 20.39 18.89 -13.37
C GLY A 86 20.40 17.73 -12.40
N ASN A 87 21.13 16.66 -12.76
CA ASN A 87 21.32 15.56 -11.82
C ASN A 87 21.91 16.05 -10.51
N LYS A 88 22.60 17.20 -10.52
CA LYS A 88 23.12 17.80 -9.30
C LYS A 88 21.99 18.24 -8.37
N GLY A 89 20.96 18.89 -8.94
CA GLY A 89 19.85 19.33 -8.12
C GLY A 89 19.04 18.16 -7.58
N ILE A 90 18.81 17.15 -8.42
CA ILE A 90 18.09 15.96 -7.97
C ILE A 90 18.89 15.22 -6.90
N GLU A 91 20.21 15.15 -7.07
CA GLU A 91 21.06 14.52 -6.06
C GLU A 91 21.03 15.30 -4.74
N VAL A 92 20.94 16.63 -4.82
CA VAL A 92 20.87 17.44 -3.60
C VAL A 92 19.55 17.20 -2.88
N PHE A 93 18.44 17.26 -3.62
CA PHE A 93 17.13 17.03 -3.01
C PHE A 93 17.01 15.62 -2.44
N TYR A 94 17.74 14.67 -3.01
CA TYR A 94 17.74 13.32 -2.46
C TYR A 94 18.47 13.27 -1.13
N LYS A 95 19.60 13.98 -1.01
CA LYS A 95 20.37 13.96 0.23
C LYS A 95 19.61 14.65 1.36
N ILE A 96 18.88 15.73 1.04
CA ILE A 96 18.07 16.38 2.05
C ILE A 96 16.90 15.48 2.46
N GLN A 97 16.31 14.77 1.50
CA GLN A 97 15.26 13.81 1.83
C GLN A 97 15.78 12.73 2.76
N GLU A 98 17.00 12.26 2.52
CA GLU A 98 17.61 11.25 3.38
C GLU A 98 17.82 11.78 4.79
N ASP A 99 18.24 13.05 4.91
CA ASP A 99 18.43 13.62 6.23
C ASP A 99 17.09 13.89 6.92
N VAL A 100 16.10 14.39 6.16
CA VAL A 100 14.78 14.61 6.73
C VAL A 100 14.17 13.29 7.18
N TYR A 101 14.43 12.21 6.43
CA TYR A 101 13.91 10.90 6.81
C TYR A 101 14.43 10.47 8.18
N GLU A 102 15.74 10.61 8.40
CA GLU A 102 16.31 10.20 9.68
C GLU A 102 15.76 11.04 10.82
N THR A 103 15.56 12.34 10.59
CA THR A 103 15.00 13.19 11.63
C THR A 103 13.56 12.80 11.94
N LEU A 104 12.76 12.50 10.91
CA LEU A 104 11.41 12.03 11.15
C LEU A 104 11.40 10.70 11.88
N LYS A 105 12.37 9.82 11.55
CA LYS A 105 12.38 8.49 12.14
C LYS A 105 12.83 8.51 13.59
N ASP A 106 13.86 9.30 13.91
CA ASP A 106 14.45 9.27 15.24
C ASP A 106 13.85 10.29 16.19
N ARG A 107 13.40 11.43 15.69
CA ARG A 107 12.93 12.53 16.55
C ARG A 107 11.41 12.60 16.66
N TYR A 108 10.67 12.18 15.64
CA TYR A 108 9.22 12.33 15.63
C TYR A 108 8.45 11.03 15.64
N TYR A 109 8.96 9.97 14.99
CA TYR A 109 8.23 8.70 14.96
C TYR A 109 8.04 8.05 16.33
N PRO A 110 9.02 8.05 17.25
CA PRO A 110 8.77 7.41 18.55
C PRO A 110 7.61 8.03 19.33
N SER A 111 7.49 9.35 19.31
CA SER A 111 6.36 9.99 19.98
C SER A 111 5.05 9.81 19.23
N PHE A 112 5.09 9.53 17.93
CA PHE A 112 3.88 9.19 17.21
C PHE A 112 3.33 7.83 17.62
N ILE A 113 4.22 6.90 17.97
CA ILE A 113 3.78 5.57 18.39
C ILE A 113 3.01 5.63 19.71
N VAL A 114 3.39 6.54 20.60
CA VAL A 114 2.69 6.69 21.87
C VAL A 114 1.55 7.69 21.78
N SER A 115 1.35 8.33 20.62
CA SER A 115 0.23 9.23 20.44
C SER A 115 -1.06 8.43 20.26
N ASP A 116 -2.19 9.14 20.31
CA ASP A 116 -3.48 8.48 20.13
C ASP A 116 -3.75 8.08 18.68
N LEU A 117 -2.84 8.39 17.75
CA LEU A 117 -3.04 8.09 16.35
C LEU A 117 -2.51 6.73 15.94
N TYR A 118 -1.48 6.23 16.63
CA TYR A 118 -0.91 4.92 16.29
C TYR A 118 -1.93 3.81 16.49
N GLU A 119 -2.85 3.98 17.43
CA GLU A 119 -3.91 2.99 17.64
C GLU A 119 -4.73 2.77 16.38
N LYS A 120 -4.98 3.84 15.62
CA LYS A 120 -5.81 3.75 14.42
C LYS A 120 -5.14 2.93 13.31
N LEU A 121 -3.84 2.66 13.42
CA LEU A 121 -3.12 1.85 12.44
C LEU A 121 -3.05 0.38 12.83
N LEU A 122 -3.72 -0.02 13.91
CA LEU A 122 -3.68 -1.38 14.41
C LEU A 122 -5.01 -2.08 14.10
N ILE A 123 -4.91 -3.33 13.66
CA ILE A 123 -6.08 -4.13 13.33
C ILE A 123 -6.54 -4.83 14.59
N LYS A 124 -7.73 -4.46 15.08
CA LYS A 124 -8.32 -5.10 16.24
C LYS A 124 -8.85 -6.47 15.82
N GLU A 125 -8.15 -7.53 16.20
CA GLU A 125 -8.51 -8.88 15.80
C GLU A 125 -9.89 -9.26 16.34
N GLU A 126 -10.64 -9.99 15.53
CA GLU A 126 -11.96 -10.47 15.94
C GLU A 126 -11.96 -11.98 16.11
N LYS B 5 -15.09 10.64 -0.88
CA LYS B 5 -14.67 9.86 -2.04
C LYS B 5 -14.47 8.39 -1.65
N ILE B 6 -15.22 7.50 -2.30
CA ILE B 6 -15.20 6.09 -1.95
C ILE B 6 -13.84 5.49 -2.30
N LEU B 7 -13.29 4.72 -1.37
CA LEU B 7 -12.08 3.94 -1.68
C LEU B 7 -12.38 2.96 -2.80
N GLN B 8 -11.48 2.89 -3.77
CA GLN B 8 -11.63 1.95 -4.88
C GLN B 8 -11.25 0.56 -4.42
N PHE B 9 -11.98 -0.44 -4.93
CA PHE B 9 -11.77 -1.81 -4.46
C PHE B 9 -10.38 -2.32 -4.78
N GLU B 10 -9.75 -1.81 -5.85
CA GLU B 10 -8.38 -2.20 -6.15
C GLU B 10 -7.43 -1.81 -5.03
N ASP B 11 -7.69 -0.66 -4.39
CA ASP B 11 -6.87 -0.24 -3.26
C ASP B 11 -7.24 -0.98 -1.99
N ILE B 12 -8.49 -1.42 -1.87
CA ILE B 12 -8.88 -2.22 -0.71
C ILE B 12 -8.06 -3.51 -0.65
N LEU B 13 -7.82 -4.12 -1.81
CA LEU B 13 -7.05 -5.35 -1.87
C LEU B 13 -5.54 -5.13 -2.00
N ALA B 14 -5.12 -3.94 -2.45
CA ALA B 14 -3.69 -3.67 -2.58
C ALA B 14 -3.09 -3.21 -1.25
N ASN B 15 -3.84 -2.45 -0.47
CA ASN B 15 -3.37 -1.98 0.83
C ASN B 15 -3.61 -3.08 1.87
N THR B 16 -2.51 -3.56 2.47
CA THR B 16 -2.59 -4.67 3.41
C THR B 16 -3.51 -4.34 4.59
N PHE B 17 -3.48 -3.09 5.06
CA PHE B 17 -4.36 -2.70 6.16
C PHE B 17 -5.82 -2.74 5.72
N TYR B 18 -6.11 -2.31 4.49
CA TYR B 18 -7.48 -2.35 3.98
C TYR B 18 -7.94 -3.79 3.79
N ARG B 19 -7.10 -4.63 3.17
CA ARG B 19 -7.52 -5.99 2.82
C ARG B 19 -7.77 -6.84 4.05
N GLU B 20 -7.03 -6.61 5.14
CA GLU B 20 -7.24 -7.37 6.36
C GLU B 20 -8.62 -7.10 6.94
N HIS B 21 -9.10 -5.85 6.84
CA HIS B 21 -10.43 -5.52 7.33
C HIS B 21 -11.51 -6.12 6.46
N PHE B 22 -11.32 -6.11 5.13
CA PHE B 22 -12.29 -6.72 4.24
C PHE B 22 -12.36 -8.23 4.46
N GLY B 23 -11.22 -8.86 4.73
CA GLY B 23 -11.23 -10.28 5.06
C GLY B 23 -11.95 -10.57 6.36
N MET B 24 -11.73 -9.73 7.37
CA MET B 24 -12.47 -9.88 8.62
C MET B 24 -13.98 -9.75 8.39
N TYR B 25 -14.37 -8.90 7.45
CA TYR B 25 -15.78 -8.80 7.10
C TYR B 25 -16.26 -10.07 6.41
N MET B 26 -15.43 -10.66 5.54
CA MET B 26 -15.80 -11.90 4.87
C MET B 26 -15.86 -13.06 5.85
N GLU B 27 -15.05 -13.03 6.92
CA GLU B 27 -15.12 -14.07 7.93
C GLU B 27 -16.44 -14.01 8.69
N ARG B 28 -16.95 -12.79 8.92
CA ARG B 28 -18.26 -12.64 9.55
C ARG B 28 -19.34 -13.36 8.75
N MET B 29 -19.25 -13.30 7.42
CA MET B 29 -20.22 -13.92 6.54
C MET B 29 -19.94 -15.40 6.29
N ASP B 30 -18.95 -15.98 6.97
CA ASP B 30 -18.50 -17.34 6.71
C ASP B 30 -18.12 -17.50 5.24
N LYS B 31 -17.54 -16.45 4.67
CA LYS B 31 -17.19 -16.40 3.25
C LYS B 31 -15.72 -16.07 3.06
N ARG B 32 -14.87 -16.47 4.02
CA ARG B 32 -13.44 -16.17 3.92
C ARG B 32 -12.77 -16.90 2.76
N ALA B 33 -13.39 -17.95 2.23
CA ALA B 33 -12.75 -18.75 1.18
C ALA B 33 -12.46 -17.92 -0.06
N LEU B 34 -13.37 -17.00 -0.42
CA LEU B 34 -13.18 -16.20 -1.63
C LEU B 34 -11.93 -15.35 -1.55
N ILE B 35 -11.81 -14.54 -0.49
CA ILE B 35 -10.66 -13.65 -0.37
C ILE B 35 -9.38 -14.44 -0.18
N SER B 36 -9.46 -15.59 0.50
CA SER B 36 -8.28 -16.46 0.62
C SER B 36 -7.85 -16.97 -0.74
N PHE B 37 -8.81 -17.38 -1.57
CA PHE B 37 -8.47 -17.84 -2.92
C PHE B 37 -7.87 -16.71 -3.75
N TRP B 38 -8.41 -15.50 -3.60
CA TRP B 38 -7.86 -14.36 -4.34
C TRP B 38 -6.42 -14.06 -3.91
N GLU B 39 -6.17 -14.08 -2.60
CA GLU B 39 -4.82 -13.83 -2.11
C GLU B 39 -3.86 -14.94 -2.52
N SER B 40 -4.33 -16.18 -2.51
CA SER B 40 -3.47 -17.30 -2.89
C SER B 40 -3.00 -17.19 -4.34
N VAL B 41 -3.92 -16.82 -5.24
CA VAL B 41 -3.54 -16.65 -6.65
C VAL B 41 -2.61 -15.46 -6.81
N GLU B 42 -2.87 -14.36 -6.11
CA GLU B 42 -2.04 -13.17 -6.23
C GLU B 42 -0.62 -13.43 -5.76
N HIS B 43 -0.47 -14.18 -4.66
CA HIS B 43 0.86 -14.59 -4.23
C HIS B 43 1.55 -15.46 -5.27
N LEU B 44 0.78 -16.28 -5.99
CA LEU B 44 1.35 -17.15 -7.01
C LEU B 44 1.98 -16.36 -8.15
N LYS B 45 1.50 -15.14 -8.41
CA LYS B 45 2.06 -14.34 -9.49
C LYS B 45 3.49 -13.90 -9.20
N ASN B 46 3.80 -13.64 -7.93
CA ASN B 46 5.13 -13.19 -7.53
C ASN B 46 5.94 -14.25 -6.81
N ALA B 47 5.62 -15.53 -7.01
CA ALA B 47 6.20 -16.63 -6.24
C ALA B 47 7.41 -17.21 -6.95
N ASN B 48 8.24 -17.89 -6.18
CA ASN B 48 9.45 -18.47 -6.71
C ASN B 48 9.13 -19.75 -7.50
N LYS B 49 9.99 -20.06 -8.46
CA LYS B 49 9.81 -21.24 -9.32
C LYS B 49 9.93 -22.56 -8.56
N ASN B 50 10.49 -22.52 -7.36
CA ASN B 50 10.61 -23.69 -6.51
C ASN B 50 9.43 -23.88 -5.58
N GLU B 51 8.64 -22.83 -5.34
CA GLU B 51 7.42 -22.94 -4.54
C GLU B 51 6.17 -23.08 -5.39
N ILE B 52 6.25 -22.79 -6.68
CA ILE B 52 5.06 -22.85 -7.54
C ILE B 52 4.39 -24.22 -7.55
N PRO B 53 5.13 -25.34 -7.72
CA PRO B 53 4.42 -26.64 -7.76
C PRO B 53 3.59 -26.92 -6.52
N GLN B 54 4.15 -26.70 -5.33
CA GLN B 54 3.41 -26.94 -4.10
C GLN B 54 2.20 -26.01 -3.99
N LEU B 55 2.37 -24.74 -4.35
CA LEU B 55 1.28 -23.78 -4.22
C LEU B 55 0.15 -24.10 -5.19
N VAL B 56 0.48 -24.34 -6.46
CA VAL B 56 -0.54 -24.63 -7.47
C VAL B 56 -1.33 -25.87 -7.06
N GLY B 57 -0.64 -26.90 -6.56
CA GLY B 57 -1.34 -28.09 -6.12
C GLY B 57 -2.18 -27.85 -4.87
N GLU B 58 -1.64 -27.11 -3.91
CA GLU B 58 -2.38 -26.82 -2.69
C GLU B 58 -3.63 -26.00 -2.97
N ILE B 59 -3.53 -25.02 -3.88
CA ILE B 59 -4.68 -24.19 -4.21
C ILE B 59 -5.77 -25.02 -4.87
N TYR B 60 -5.39 -25.92 -5.77
CA TYR B 60 -6.36 -26.81 -6.40
C TYR B 60 -7.01 -27.72 -5.37
N GLN B 61 -6.19 -28.34 -4.51
CA GLN B 61 -6.73 -29.24 -3.49
C GLN B 61 -7.61 -28.49 -2.50
N ASN B 62 -7.12 -27.39 -1.94
CA ASN B 62 -7.82 -26.72 -0.85
C ASN B 62 -9.10 -26.04 -1.30
N PHE B 63 -9.24 -25.71 -2.59
CA PHE B 63 -10.39 -24.97 -3.05
C PHE B 63 -11.30 -25.73 -4.00
N PHE B 64 -10.83 -26.82 -4.61
CA PHE B 64 -11.64 -27.55 -5.57
C PHE B 64 -11.77 -29.03 -5.25
N VAL B 65 -11.12 -29.54 -4.20
CA VAL B 65 -11.18 -30.94 -3.80
C VAL B 65 -11.14 -31.03 -2.28
N GLU B 66 -12.30 -30.96 -1.61
CA GLU B 66 -12.34 -30.77 -0.15
C GLU B 66 -13.30 -31.72 0.58
N SER B 67 -12.90 -32.99 0.71
CA SER B 67 -13.54 -33.92 1.65
C SER B 67 -15.06 -33.86 1.62
N LYS B 68 -15.68 -33.80 2.80
CA LYS B 68 -17.13 -33.69 2.94
C LYS B 68 -17.84 -34.82 2.19
N GLU B 69 -17.30 -36.03 2.32
CA GLU B 69 -17.77 -37.23 1.62
C GLU B 69 -17.70 -36.94 0.12
N ILE B 70 -18.76 -37.17 -0.64
CA ILE B 70 -18.78 -36.99 -2.08
C ILE B 70 -19.61 -35.76 -2.40
N SER B 71 -19.00 -34.77 -3.05
CA SER B 71 -19.70 -33.62 -3.60
C SER B 71 -19.92 -33.76 -5.10
N VAL B 72 -19.45 -34.87 -5.68
CA VAL B 72 -19.58 -35.19 -7.11
C VAL B 72 -18.73 -34.22 -7.91
N GLU B 73 -18.97 -32.91 -7.76
CA GLU B 73 -18.14 -31.93 -8.45
C GLU B 73 -16.71 -31.91 -7.90
N LYS B 74 -16.52 -32.17 -6.60
CA LYS B 74 -15.15 -32.27 -6.07
C LYS B 74 -14.43 -33.48 -6.64
N SER B 75 -15.13 -34.62 -6.74
CA SER B 75 -14.51 -35.81 -7.31
C SER B 75 -14.25 -35.64 -8.80
N LEU B 76 -15.07 -34.84 -9.49
CA LEU B 76 -14.77 -34.49 -10.87
C LEU B 76 -13.46 -33.70 -10.96
N TYR B 77 -13.35 -32.65 -10.14
CA TYR B 77 -12.15 -31.82 -10.18
C TYR B 77 -10.91 -32.60 -9.74
N LYS B 78 -11.08 -33.56 -8.83
CA LYS B 78 -9.96 -34.43 -8.48
C LYS B 78 -9.52 -35.27 -9.68
N GLU B 79 -10.49 -35.74 -10.46
CA GLU B 79 -10.17 -36.63 -11.58
C GLU B 79 -9.59 -35.88 -12.77
N ILE B 80 -9.99 -34.63 -12.98
CA ILE B 80 -9.57 -33.88 -14.16
C ILE B 80 -8.54 -32.81 -13.79
N GLN B 81 -7.81 -32.99 -12.69
CA GLN B 81 -6.84 -31.98 -12.27
C GLN B 81 -5.74 -31.81 -13.31
N GLN B 82 -5.25 -32.92 -13.88
CA GLN B 82 -4.12 -32.84 -14.79
C GLN B 82 -4.52 -32.20 -16.12
N CYS B 83 -5.72 -32.50 -16.61
CA CYS B 83 -6.22 -31.78 -17.79
C CYS B 83 -6.34 -30.29 -17.50
N LEU B 84 -6.82 -29.93 -16.32
CA LEU B 84 -7.12 -28.54 -15.99
C LEU B 84 -5.86 -27.77 -15.63
N VAL B 85 -5.19 -28.16 -14.55
CA VAL B 85 -4.03 -27.42 -14.06
C VAL B 85 -2.70 -27.96 -14.58
N GLY B 86 -2.71 -29.10 -15.27
CA GLY B 86 -1.53 -29.51 -15.99
C GLY B 86 -1.22 -28.56 -17.13
N ASN B 87 0.00 -28.68 -17.65
CA ASN B 87 0.56 -27.74 -18.62
C ASN B 87 0.63 -26.38 -17.94
N LYS B 88 0.03 -25.33 -18.48
CA LYS B 88 0.18 -23.98 -17.96
C LYS B 88 -0.80 -23.77 -16.80
N GLY B 89 -0.30 -23.91 -15.58
CA GLY B 89 -1.12 -23.81 -14.39
C GLY B 89 -1.42 -22.40 -13.92
N ILE B 90 -0.42 -21.51 -14.00
CA ILE B 90 -0.59 -20.15 -13.48
C ILE B 90 -1.71 -19.42 -14.22
N GLU B 91 -1.91 -19.72 -15.50
CA GLU B 91 -2.93 -19.00 -16.28
C GLU B 91 -4.33 -19.44 -15.90
N VAL B 92 -4.52 -20.73 -15.60
CA VAL B 92 -5.84 -21.25 -15.31
C VAL B 92 -6.44 -20.55 -14.10
N PHE B 93 -5.65 -20.45 -13.02
CA PHE B 93 -6.13 -19.79 -11.81
C PHE B 93 -6.40 -18.31 -12.01
N TYR B 94 -5.79 -17.69 -13.02
CA TYR B 94 -6.01 -16.26 -13.24
C TYR B 94 -7.45 -15.96 -13.63
N LYS B 95 -8.00 -16.75 -14.55
CA LYS B 95 -9.35 -16.46 -15.03
C LYS B 95 -10.38 -16.65 -13.92
N ILE B 96 -10.19 -17.67 -13.07
CA ILE B 96 -11.05 -17.83 -11.91
C ILE B 96 -10.88 -16.64 -10.97
N GLN B 97 -9.64 -16.21 -10.75
CA GLN B 97 -9.37 -15.11 -9.82
C GLN B 97 -10.04 -13.82 -10.28
N GLU B 98 -10.05 -13.57 -11.58
CA GLU B 98 -10.69 -12.36 -12.10
C GLU B 98 -12.18 -12.36 -11.84
N ASP B 99 -12.83 -13.53 -11.97
CA ASP B 99 -14.26 -13.61 -11.71
C ASP B 99 -14.56 -13.58 -10.21
N VAL B 100 -13.66 -14.13 -9.39
CA VAL B 100 -13.83 -14.01 -7.94
C VAL B 100 -13.64 -12.56 -7.50
N TYR B 101 -12.74 -11.83 -8.16
CA TYR B 101 -12.57 -10.41 -7.87
C TYR B 101 -13.87 -9.65 -8.14
N GLU B 102 -14.48 -9.89 -9.31
CA GLU B 102 -15.74 -9.22 -9.63
C GLU B 102 -16.84 -9.61 -8.64
N THR B 103 -16.88 -10.87 -8.25
CA THR B 103 -17.85 -11.32 -7.24
C THR B 103 -17.63 -10.59 -5.93
N LEU B 104 -16.37 -10.49 -5.49
CA LEU B 104 -16.07 -9.75 -4.26
C LEU B 104 -16.45 -8.29 -4.40
N LYS B 105 -16.16 -7.69 -5.56
CA LYS B 105 -16.36 -6.25 -5.72
C LYS B 105 -17.84 -5.89 -5.78
N ASP B 106 -18.64 -6.69 -6.48
CA ASP B 106 -20.04 -6.35 -6.71
C ASP B 106 -20.98 -6.84 -5.62
N ARG B 107 -20.66 -7.97 -4.98
CA ARG B 107 -21.59 -8.59 -4.05
C ARG B 107 -21.26 -8.34 -2.58
N TYR B 108 -19.99 -8.17 -2.24
CA TYR B 108 -19.60 -8.06 -0.84
C TYR B 108 -18.98 -6.72 -0.48
N TYR B 109 -18.31 -6.05 -1.41
CA TYR B 109 -17.74 -4.73 -1.11
C TYR B 109 -18.79 -3.68 -0.77
N PRO B 110 -19.93 -3.58 -1.48
CA PRO B 110 -20.93 -2.56 -1.10
C PRO B 110 -21.40 -2.68 0.34
N SER B 111 -21.66 -3.89 0.82
CA SER B 111 -22.08 -4.07 2.20
C SER B 111 -20.91 -3.94 3.17
N PHE B 112 -19.67 -4.05 2.69
CA PHE B 112 -18.52 -3.76 3.54
C PHE B 112 -18.39 -2.27 3.80
N ILE B 113 -18.71 -1.44 2.81
CA ILE B 113 -18.59 0.00 2.96
C ILE B 113 -19.52 0.51 4.05
N VAL B 114 -20.70 -0.09 4.17
CA VAL B 114 -21.67 0.33 5.18
C VAL B 114 -21.48 -0.41 6.51
N SER B 115 -20.52 -1.33 6.59
CA SER B 115 -20.25 -2.02 7.85
C SER B 115 -19.42 -1.13 8.77
N ASP B 116 -19.29 -1.58 10.02
CA ASP B 116 -18.52 -0.84 11.01
C ASP B 116 -17.02 -0.87 10.75
N LEU B 117 -16.57 -1.68 9.80
CA LEU B 117 -15.14 -1.82 9.52
C LEU B 117 -14.62 -0.80 8.53
N TYR B 118 -15.49 -0.27 7.66
CA TYR B 118 -15.04 0.73 6.68
C TYR B 118 -14.62 2.02 7.36
N GLU B 119 -15.26 2.37 8.47
CA GLU B 119 -14.89 3.60 9.18
C GLU B 119 -13.45 3.54 9.68
N LYS B 120 -12.96 2.34 10.02
CA LYS B 120 -11.57 2.20 10.46
C LYS B 120 -10.58 2.51 9.35
N LEU B 121 -11.03 2.53 8.09
CA LEU B 121 -10.16 2.81 6.96
C LEU B 121 -10.19 4.28 6.54
N LEU B 122 -10.84 5.13 7.31
CA LEU B 122 -11.01 6.53 6.97
C LEU B 122 -10.11 7.41 7.83
N ILE B 123 -9.55 8.45 7.21
CA ILE B 123 -8.62 9.36 7.87
C ILE B 123 -9.44 10.54 8.38
N LYS B 124 -9.69 10.57 9.69
CA LYS B 124 -10.52 11.59 10.32
C LYS B 124 -9.65 12.80 10.65
N GLU B 125 -9.85 13.90 9.92
CA GLU B 125 -9.12 15.14 10.20
C GLU B 125 -9.79 15.91 11.34
#